data_1JZJ
#
_entry.id   1JZJ
#
_cell.length_a   54.873
_cell.length_b   54.873
_cell.length_c   133.813
_cell.angle_alpha   90.00
_cell.angle_beta   90.00
_cell.angle_gamma   120.00
#
_symmetry.space_group_name_H-M   'P 32 2 1'
#
loop_
_entity.id
_entity.type
_entity.pdbx_description
1 polymer azurin
2 non-polymer 'COPPER (II) ION'
3 non-polymer "DELTA-BIS(2,2'-BIPYRIDINE)IMIDAZOLE OSMIUM (II)"
4 non-polymer "LAMBDA-BIS(2,2'-BIPYRIDINE)IMIDAZOLE OSMIUM (II)"
5 non-polymer 'TETRA(IMIDAZOLE)DIAQUACOPPER (II)'
6 water water
#
_entity_poly.entity_id   1
_entity_poly.type   'polypeptide(L)'
_entity_poly.pdbx_seq_one_letter_code
;AECSVDIQGNDQMQFNTNAITVDKSCKQFTVNLSHPGNLPKNVMGHNWVLSTAADMQGVVTDGMASGLDKDYLKPDDSRV
IAHTKLIGSGEKDSVTFDVSKLKEGEQYMFFCTFPGHSALMKGTLTLK
;
_entity_poly.pdbx_strand_id   A,B
#
loop_
_chem_comp.id
_chem_comp.type
_chem_comp.name
_chem_comp.formula
CU non-polymer 'COPPER (II) ION' 'Cu 2'
DOS non-polymer 'DELTA-BIS(2,2'-BIPYRIDINE)IMIDAZOLE OSMIUM (II)' 'C23 H19 N6 Os 2'
IME non-polymer 'TETRA(IMIDAZOLE)DIAQUACOPPER (II)' 'C12 H16 Cu N8 O2 2'
LOS non-polymer 'LAMBDA-BIS(2,2'-BIPYRIDINE)IMIDAZOLE OSMIUM (II)' 'C23 H19 N6 Os 2'
#
# COMPACT_ATOMS: atom_id res chain seq x y z
N ALA A 1 -28.00 -16.96 -12.77
CA ALA A 1 -26.65 -16.85 -12.17
C ALA A 1 -26.75 -15.87 -11.03
N GLU A 2 -25.66 -15.65 -10.32
CA GLU A 2 -25.72 -14.65 -9.30
C GLU A 2 -25.12 -13.49 -10.03
N CYS A 3 -25.71 -12.32 -9.89
CA CYS A 3 -25.22 -11.15 -10.59
C CYS A 3 -24.69 -10.12 -9.62
N SER A 4 -24.06 -10.59 -8.55
CA SER A 4 -23.48 -9.71 -7.55
C SER A 4 -22.38 -10.41 -6.78
N VAL A 5 -21.58 -9.62 -6.08
CA VAL A 5 -20.47 -10.14 -5.30
C VAL A 5 -20.13 -9.16 -4.19
N ASP A 6 -19.84 -9.69 -3.01
CA ASP A 6 -19.47 -8.88 -1.85
C ASP A 6 -17.96 -8.91 -1.77
N ILE A 7 -17.35 -7.71 -1.80
CA ILE A 7 -15.90 -7.60 -1.72
C ILE A 7 -15.50 -6.78 -0.51
N GLN A 8 -14.41 -7.21 0.14
CA GLN A 8 -13.89 -6.53 1.32
C GLN A 8 -12.50 -5.98 1.06
N GLY A 9 -12.26 -4.76 1.52
CA GLY A 9 -10.96 -4.12 1.38
C GLY A 9 -10.54 -3.84 2.80
N ASN A 10 -9.49 -4.51 3.29
CA ASN A 10 -9.05 -4.32 4.67
C ASN A 10 -7.82 -3.45 4.91
N ASP A 11 -7.50 -3.27 6.19
CA ASP A 11 -6.34 -2.47 6.63
C ASP A 11 -4.99 -3.09 6.29
N GLN A 12 -5.03 -4.27 5.67
CA GLN A 12 -3.81 -4.97 5.27
C GLN A 12 -3.55 -4.70 3.79
N MET A 13 -4.35 -3.80 3.23
CA MET A 13 -4.27 -3.40 1.82
C MET A 13 -4.47 -4.63 0.94
N GLN A 14 -5.59 -5.32 1.17
CA GLN A 14 -5.93 -6.52 0.42
C GLN A 14 -7.42 -6.65 0.17
N PHE A 15 -7.76 -7.08 -1.03
CA PHE A 15 -9.15 -7.34 -1.41
C PHE A 15 -9.29 -8.84 -1.10
N ASN A 16 -10.42 -9.25 -0.53
CA ASN A 16 -10.59 -10.67 -0.21
C ASN A 16 -10.88 -11.53 -1.44
N THR A 17 -10.60 -10.96 -2.60
CA THR A 17 -10.80 -11.64 -3.88
C THR A 17 -9.79 -11.09 -4.87
N ASN A 18 -9.18 -11.99 -5.66
CA ASN A 18 -8.19 -11.59 -6.65
C ASN A 18 -8.75 -11.83 -8.05
N ALA A 19 -9.92 -12.45 -8.13
CA ALA A 19 -10.54 -12.76 -9.42
C ALA A 19 -12.06 -12.82 -9.34
N ILE A 20 -12.71 -12.10 -10.26
CA ILE A 20 -14.16 -12.06 -10.33
C ILE A 20 -14.62 -12.56 -11.68
N THR A 21 -15.66 -13.41 -11.65
CA THR A 21 -16.24 -13.97 -12.86
C THR A 21 -17.68 -13.47 -12.95
N VAL A 22 -18.00 -12.82 -14.06
CA VAL A 22 -19.35 -12.30 -14.30
C VAL A 22 -20.04 -13.23 -15.28
N ASP A 23 -21.20 -13.74 -14.89
CA ASP A 23 -21.95 -14.65 -15.76
C ASP A 23 -22.64 -13.88 -16.89
N LYS A 24 -22.61 -14.47 -18.08
CA LYS A 24 -23.23 -13.85 -19.26
C LYS A 24 -24.73 -13.66 -19.18
N SER A 25 -25.42 -14.43 -18.34
CA SER A 25 -26.87 -14.29 -18.22
C SER A 25 -27.23 -12.96 -17.56
N CYS A 26 -26.26 -12.37 -16.86
CA CYS A 26 -26.47 -11.09 -16.17
C CYS A 26 -26.48 -9.90 -17.11
N LYS A 27 -27.49 -9.05 -16.97
CA LYS A 27 -27.59 -7.84 -17.77
C LYS A 27 -26.92 -6.73 -16.98
N GLN A 28 -26.99 -6.87 -15.66
CA GLN A 28 -26.39 -5.93 -14.72
C GLN A 28 -25.59 -6.74 -13.71
N PHE A 29 -24.55 -6.13 -13.15
CA PHE A 29 -23.73 -6.78 -12.15
C PHE A 29 -23.53 -5.80 -11.00
N THR A 30 -23.57 -6.29 -9.78
CA THR A 30 -23.43 -5.45 -8.60
C THR A 30 -22.26 -5.86 -7.71
N VAL A 31 -21.51 -4.85 -7.26
CA VAL A 31 -20.39 -5.08 -6.36
C VAL A 31 -20.71 -4.36 -5.05
N ASN A 32 -20.76 -5.12 -3.96
CA ASN A 32 -21.03 -4.57 -2.64
C ASN A 32 -19.71 -4.52 -1.89
N LEU A 33 -19.14 -3.31 -1.79
CA LEU A 33 -17.86 -3.11 -1.13
C LEU A 33 -17.96 -2.69 0.34
N SER A 34 -17.18 -3.36 1.18
CA SER A 34 -17.13 -3.03 2.61
C SER A 34 -15.65 -2.87 2.95
N HIS A 35 -15.36 -2.42 4.17
CA HIS A 35 -13.98 -2.19 4.57
C HIS A 35 -13.68 -2.59 6.01
N PRO A 36 -13.32 -3.85 6.25
CA PRO A 36 -13.02 -4.21 7.64
C PRO A 36 -11.77 -3.46 8.11
N GLY A 37 -11.64 -3.30 9.43
CA GLY A 37 -10.51 -2.58 9.98
C GLY A 37 -10.96 -1.39 10.81
N ASN A 38 -10.06 -0.43 11.04
CA ASN A 38 -10.39 0.75 11.83
C ASN A 38 -9.78 2.04 11.28
N LEU A 39 -8.92 1.90 10.28
CA LEU A 39 -8.25 3.04 9.64
C LEU A 39 -9.18 3.91 8.79
N PRO A 40 -9.02 5.24 8.87
CA PRO A 40 -9.78 6.26 8.15
C PRO A 40 -9.51 6.30 6.65
N LYS A 41 -10.46 6.88 5.94
CA LYS A 41 -10.42 7.02 4.48
C LYS A 41 -9.27 7.87 3.95
N ASN A 42 -8.80 8.84 4.73
CA ASN A 42 -7.70 9.70 4.26
C ASN A 42 -6.33 9.03 4.21
N VAL A 43 -6.19 7.89 4.86
CA VAL A 43 -4.93 7.16 4.87
C VAL A 43 -5.09 5.69 4.48
N MET A 44 -6.32 5.19 4.51
CA MET A 44 -6.57 3.80 4.16
C MET A 44 -7.87 3.62 3.37
N GLY A 45 -8.22 4.65 2.60
CA GLY A 45 -9.43 4.59 1.80
C GLY A 45 -9.32 3.57 0.70
N HIS A 46 -10.45 2.94 0.38
CA HIS A 46 -10.51 1.94 -0.68
C HIS A 46 -11.72 2.17 -1.55
N ASN A 47 -11.54 1.98 -2.85
CA ASN A 47 -12.64 2.06 -3.80
C ASN A 47 -12.46 0.88 -4.73
N TRP A 48 -13.53 0.49 -5.42
CA TRP A 48 -13.48 -0.61 -6.35
C TRP A 48 -13.67 0.03 -7.72
N VAL A 49 -12.63 -0.02 -8.54
CA VAL A 49 -12.67 0.59 -9.87
C VAL A 49 -12.44 -0.46 -10.96
N LEU A 50 -13.24 -0.38 -12.02
CA LEU A 50 -13.13 -1.32 -13.13
C LEU A 50 -12.76 -0.64 -14.45
N SER A 51 -11.84 -1.28 -15.18
CA SER A 51 -11.39 -0.80 -16.48
C SER A 51 -10.75 -1.96 -17.23
N THR A 52 -10.38 -1.72 -18.49
CA THR A 52 -9.71 -2.75 -19.26
C THR A 52 -8.30 -2.82 -18.70
N ALA A 53 -7.60 -3.92 -18.97
CA ALA A 53 -6.23 -4.09 -18.51
C ALA A 53 -5.36 -3.00 -19.11
N ALA A 54 -5.65 -2.64 -20.35
CA ALA A 54 -4.92 -1.61 -21.07
C ALA A 54 -5.04 -0.24 -20.41
N ASP A 55 -6.20 0.05 -19.82
CA ASP A 55 -6.45 1.34 -19.19
C ASP A 55 -6.13 1.47 -17.71
N MET A 56 -5.91 0.35 -17.01
CA MET A 56 -5.64 0.40 -15.58
C MET A 56 -4.58 1.38 -15.08
N GLN A 57 -3.36 1.28 -15.60
CA GLN A 57 -2.28 2.17 -15.17
C GLN A 57 -2.64 3.65 -15.29
N GLY A 58 -3.23 4.03 -16.42
CA GLY A 58 -3.61 5.42 -16.64
C GLY A 58 -4.66 5.91 -15.67
N VAL A 59 -5.66 5.06 -15.39
CA VAL A 59 -6.72 5.40 -14.47
C VAL A 59 -6.13 5.58 -13.08
N VAL A 60 -5.20 4.71 -12.72
CA VAL A 60 -4.53 4.77 -11.42
C VAL A 60 -3.67 6.02 -11.31
N THR A 61 -2.87 6.30 -12.34
CA THR A 61 -2.01 7.47 -12.34
C THR A 61 -2.81 8.77 -12.25
N ASP A 62 -3.79 8.91 -13.14
CA ASP A 62 -4.63 10.11 -13.16
C ASP A 62 -5.50 10.25 -11.92
N GLY A 63 -5.86 9.12 -11.33
CA GLY A 63 -6.67 9.14 -10.12
C GLY A 63 -5.85 9.61 -8.94
N MET A 64 -4.61 9.13 -8.85
CA MET A 64 -3.70 9.51 -7.78
C MET A 64 -3.57 11.03 -7.72
N ALA A 65 -3.50 11.65 -8.90
CA ALA A 65 -3.36 13.09 -9.04
C ALA A 65 -4.65 13.89 -8.82
N SER A 66 -5.78 13.20 -8.70
CA SER A 66 -7.07 13.86 -8.52
C SER A 66 -7.37 14.31 -7.09
N GLY A 67 -6.73 13.67 -6.12
CA GLY A 67 -6.94 14.05 -4.73
C GLY A 67 -8.08 13.35 -4.01
N LEU A 68 -8.02 13.41 -2.68
CA LEU A 68 -9.02 12.80 -1.82
C LEU A 68 -10.42 13.36 -2.08
N ASP A 69 -10.47 14.65 -2.37
CA ASP A 69 -11.70 15.37 -2.63
C ASP A 69 -12.52 14.71 -3.75
N LYS A 70 -11.82 14.16 -4.73
CA LYS A 70 -12.47 13.52 -5.88
C LYS A 70 -12.43 11.99 -5.84
N ASP A 71 -12.23 11.43 -4.64
CA ASP A 71 -12.17 9.98 -4.43
C ASP A 71 -11.06 9.33 -5.26
N TYR A 72 -10.01 10.11 -5.53
CA TYR A 72 -8.87 9.65 -6.31
C TYR A 72 -9.23 9.06 -7.66
N LEU A 73 -10.20 9.70 -8.32
CA LEU A 73 -10.64 9.30 -9.64
C LEU A 73 -10.68 10.58 -10.47
N LYS A 74 -10.07 10.52 -11.66
CA LYS A 74 -10.06 11.68 -12.54
C LYS A 74 -11.48 11.94 -13.01
N PRO A 75 -12.01 13.15 -12.72
CA PRO A 75 -13.37 13.52 -13.12
C PRO A 75 -13.68 13.18 -14.58
N ASP A 76 -14.79 12.48 -14.78
CA ASP A 76 -15.28 12.06 -16.10
C ASP A 76 -14.32 11.16 -16.90
N ASP A 77 -13.51 10.37 -16.20
CA ASP A 77 -12.58 9.46 -16.86
C ASP A 77 -13.39 8.41 -17.61
N SER A 78 -13.38 8.50 -18.94
CA SER A 78 -14.12 7.58 -19.80
C SER A 78 -13.64 6.12 -19.72
N ARG A 79 -12.40 5.94 -19.27
CA ARG A 79 -11.82 4.61 -19.14
C ARG A 79 -12.42 3.83 -17.99
N VAL A 80 -13.04 4.54 -17.05
CA VAL A 80 -13.66 3.87 -15.92
C VAL A 80 -14.99 3.27 -16.36
N ILE A 81 -15.07 1.95 -16.32
CA ILE A 81 -16.26 1.22 -16.70
C ILE A 81 -17.31 1.31 -15.59
N ALA A 82 -16.86 1.13 -14.35
CA ALA A 82 -17.74 1.19 -13.19
C ALA A 82 -16.88 1.48 -11.96
N HIS A 83 -17.47 2.09 -10.94
N HIS A 83 -17.48 2.05 -10.92
CA HIS A 83 -16.75 2.42 -9.72
CA HIS A 83 -16.73 2.35 -9.71
C HIS A 83 -17.64 2.67 -8.51
C HIS A 83 -17.63 2.64 -8.51
N THR A 84 -17.11 2.37 -7.32
CA THR A 84 -17.83 2.63 -6.07
C THR A 84 -17.16 3.92 -5.60
N LYS A 85 -17.63 4.50 -4.51
CA LYS A 85 -16.99 5.69 -4.00
C LYS A 85 -15.82 5.21 -3.13
N LEU A 86 -14.97 6.13 -2.69
CA LEU A 86 -13.83 5.77 -1.83
C LEU A 86 -14.36 5.69 -0.39
N ILE A 87 -14.18 4.52 0.23
CA ILE A 87 -14.67 4.33 1.59
C ILE A 87 -13.56 4.06 2.62
N GLY A 88 -13.88 4.35 3.87
CA GLY A 88 -12.96 4.11 4.96
C GLY A 88 -13.48 2.91 5.73
N SER A 89 -12.81 2.54 6.82
CA SER A 89 -13.26 1.41 7.62
C SER A 89 -14.68 1.61 8.13
N GLY A 90 -15.44 0.52 8.17
CA GLY A 90 -16.80 0.56 8.66
C GLY A 90 -17.84 1.05 7.67
N GLU A 91 -17.40 1.61 6.54
CA GLU A 91 -18.32 2.12 5.52
C GLU A 91 -18.71 1.09 4.47
N LYS A 92 -19.75 1.41 3.71
CA LYS A 92 -20.23 0.52 2.66
C LYS A 92 -20.69 1.29 1.44
N ASP A 93 -20.47 0.72 0.27
CA ASP A 93 -20.93 1.32 -0.98
C ASP A 93 -21.07 0.24 -2.02
N SER A 94 -22.13 0.35 -2.81
CA SER A 94 -22.39 -0.63 -3.86
C SER A 94 -22.49 0.08 -5.19
N VAL A 95 -22.16 -0.65 -6.25
CA VAL A 95 -22.24 -0.12 -7.60
C VAL A 95 -22.79 -1.20 -8.51
N THR A 96 -23.68 -0.79 -9.39
CA THR A 96 -24.30 -1.71 -10.34
C THR A 96 -23.96 -1.18 -11.73
N PHE A 97 -23.58 -2.08 -12.62
CA PHE A 97 -23.24 -1.67 -13.98
C PHE A 97 -23.77 -2.60 -15.05
N ASP A 98 -23.83 -2.07 -16.27
CA ASP A 98 -24.29 -2.80 -17.45
C ASP A 98 -23.22 -3.76 -17.93
N VAL A 99 -23.55 -5.04 -17.96
CA VAL A 99 -22.61 -6.08 -18.41
C VAL A 99 -22.28 -6.00 -19.90
N SER A 100 -23.11 -5.30 -20.66
CA SER A 100 -22.88 -5.15 -22.09
C SER A 100 -21.64 -4.30 -22.39
N LYS A 101 -21.04 -3.75 -21.33
CA LYS A 101 -19.83 -2.96 -21.46
C LYS A 101 -18.64 -3.92 -21.41
N LEU A 102 -18.94 -5.20 -21.25
CA LEU A 102 -17.93 -6.24 -21.19
C LEU A 102 -18.14 -7.22 -22.33
N LYS A 103 -17.05 -7.91 -22.70
CA LYS A 103 -17.10 -8.91 -23.76
C LYS A 103 -16.13 -10.02 -23.38
N GLU A 104 -16.30 -11.19 -24.00
CA GLU A 104 -15.40 -12.29 -23.74
C GLU A 104 -14.15 -12.02 -24.57
N GLY A 105 -13.01 -12.54 -24.11
CA GLY A 105 -11.78 -12.34 -24.84
C GLY A 105 -11.05 -11.05 -24.53
N GLU A 106 -11.42 -10.39 -23.44
CA GLU A 106 -10.75 -9.16 -23.03
C GLU A 106 -10.54 -9.21 -21.54
N GLN A 107 -9.37 -8.78 -21.11
CA GLN A 107 -9.01 -8.80 -19.70
C GLN A 107 -9.38 -7.49 -19.03
N TYR A 108 -10.15 -7.57 -17.96
CA TYR A 108 -10.55 -6.40 -17.19
C TYR A 108 -9.86 -6.51 -15.84
N MET A 109 -9.60 -5.36 -15.24
CA MET A 109 -8.95 -5.33 -13.94
C MET A 109 -9.77 -4.47 -12.98
N PHE A 110 -9.86 -4.92 -11.73
CA PHE A 110 -10.54 -4.14 -10.72
C PHE A 110 -9.42 -3.78 -9.75
N PHE A 111 -9.50 -2.56 -9.20
CA PHE A 111 -8.45 -2.10 -8.30
C PHE A 111 -8.91 -0.91 -7.49
N CYS A 112 -8.04 -0.49 -6.57
CA CYS A 112 -8.28 0.66 -5.72
C CYS A 112 -7.34 1.73 -6.26
N THR A 113 -7.81 2.97 -6.32
CA THR A 113 -7.00 4.08 -6.83
C THR A 113 -6.38 4.97 -5.76
N PHE A 114 -6.57 4.62 -4.49
CA PHE A 114 -5.98 5.39 -3.40
C PHE A 114 -4.47 5.28 -3.61
N PRO A 115 -3.72 6.37 -3.43
CA PRO A 115 -2.26 6.40 -3.60
C PRO A 115 -1.48 5.16 -3.20
N GLY A 116 -0.95 4.50 -4.23
CA GLY A 116 -0.14 3.30 -4.06
C GLY A 116 -0.83 1.96 -3.89
N HIS A 117 -2.09 1.98 -3.46
CA HIS A 117 -2.84 0.75 -3.20
C HIS A 117 -2.93 -0.30 -4.30
N SER A 118 -3.06 0.13 -5.56
CA SER A 118 -3.18 -0.79 -6.68
C SER A 118 -2.04 -1.82 -6.80
N ALA A 119 -0.92 -1.53 -6.17
CA ALA A 119 0.24 -2.43 -6.18
C ALA A 119 -0.13 -3.79 -5.60
N LEU A 120 -1.08 -3.79 -4.66
CA LEU A 120 -1.53 -5.01 -4.03
C LEU A 120 -3.03 -5.17 -4.20
N MET A 121 -3.74 -4.06 -4.18
CA MET A 121 -5.19 -4.06 -4.31
C MET A 121 -5.65 -4.00 -5.75
N LYS A 122 -5.68 -5.17 -6.37
CA LYS A 122 -6.09 -5.31 -7.75
C LYS A 122 -6.43 -6.77 -7.98
N GLY A 123 -7.13 -7.03 -9.09
CA GLY A 123 -7.51 -8.38 -9.44
C GLY A 123 -8.12 -8.38 -10.82
N THR A 124 -8.51 -9.56 -11.30
CA THR A 124 -9.11 -9.67 -12.62
C THR A 124 -10.61 -9.87 -12.60
N LEU A 125 -11.25 -9.47 -13.68
CA LEU A 125 -12.69 -9.62 -13.85
C LEU A 125 -12.88 -10.14 -15.26
N THR A 126 -13.65 -11.21 -15.39
CA THR A 126 -13.88 -11.82 -16.69
C THR A 126 -15.36 -12.18 -16.90
N LEU A 127 -15.83 -11.96 -18.12
CA LEU A 127 -17.20 -12.28 -18.50
C LEU A 127 -17.18 -13.72 -19.02
N LYS A 128 -17.96 -14.60 -18.40
CA LYS A 128 -17.99 -16.00 -18.84
C LYS A 128 -19.35 -16.70 -18.80
N ALA B 1 32.03 -5.80 3.74
CA ALA B 1 31.01 -5.35 2.76
C ALA B 1 30.48 -4.02 3.23
N GLU B 2 29.92 -3.24 2.30
CA GLU B 2 29.41 -1.91 2.61
C GLU B 2 28.65 -1.73 3.93
N CYS B 3 29.19 -0.87 4.80
CA CYS B 3 28.59 -0.59 6.10
C CYS B 3 27.44 0.42 5.98
N SER B 4 26.89 0.55 4.78
CA SER B 4 25.78 1.46 4.54
C SER B 4 25.00 1.02 3.31
N VAL B 5 23.78 1.53 3.17
CA VAL B 5 22.94 1.20 2.05
C VAL B 5 21.97 2.33 1.74
N ASP B 6 21.76 2.59 0.47
CA ASP B 6 20.84 3.63 0.03
C ASP B 6 19.52 2.97 -0.34
N ILE B 7 18.44 3.45 0.24
CA ILE B 7 17.12 2.89 -0.01
C ILE B 7 16.13 3.97 -0.42
N GLN B 8 15.31 3.65 -1.41
CA GLN B 8 14.28 4.55 -1.91
C GLN B 8 12.90 3.97 -1.66
N GLY B 9 11.97 4.84 -1.29
CA GLY B 9 10.59 4.44 -1.06
C GLY B 9 9.84 5.32 -2.05
N ASN B 10 9.09 4.71 -2.97
CA ASN B 10 8.39 5.50 -3.98
C ASN B 10 6.88 5.70 -3.82
N ASP B 11 6.26 6.30 -4.84
CA ASP B 11 4.83 6.57 -4.86
C ASP B 11 4.01 5.33 -5.18
N GLN B 12 4.70 4.24 -5.49
CA GLN B 12 4.03 2.99 -5.80
C GLN B 12 4.04 2.08 -4.57
N MET B 13 4.39 2.66 -3.42
CA MET B 13 4.45 1.94 -2.15
C MET B 13 5.46 0.81 -2.22
N GLN B 14 6.65 1.13 -2.74
CA GLN B 14 7.70 0.13 -2.91
C GLN B 14 9.07 0.61 -2.43
N PHE B 15 9.79 -0.28 -1.76
CA PHE B 15 11.16 0.00 -1.33
C PHE B 15 11.95 -0.58 -2.50
N ASN B 16 13.13 -0.04 -2.79
CA ASN B 16 13.91 -0.56 -3.92
C ASN B 16 14.76 -1.79 -3.60
N THR B 17 14.55 -2.35 -2.42
CA THR B 17 15.24 -3.56 -1.98
C THR B 17 14.34 -4.26 -0.97
N ASN B 18 14.50 -5.57 -0.83
CA ASN B 18 13.71 -6.34 0.11
C ASN B 18 14.55 -7.24 0.99
N ALA B 19 15.87 -7.03 0.93
CA ALA B 19 16.81 -7.81 1.71
C ALA B 19 18.09 -7.02 1.94
N ILE B 20 18.47 -6.86 3.20
CA ILE B 20 19.67 -6.13 3.57
C ILE B 20 20.57 -7.03 4.41
N THR B 21 21.85 -7.06 4.05
CA THR B 21 22.83 -7.85 4.80
C THR B 21 23.78 -6.88 5.49
N VAL B 22 23.91 -7.04 6.80
CA VAL B 22 24.81 -6.20 7.58
C VAL B 22 26.05 -7.01 7.88
N ASP B 23 27.18 -6.56 7.34
CA ASP B 23 28.44 -7.24 7.55
C ASP B 23 28.87 -7.20 9.02
N LYS B 24 29.30 -8.35 9.54
CA LYS B 24 29.73 -8.49 10.92
C LYS B 24 30.91 -7.61 11.33
N SER B 25 31.66 -7.14 10.34
CA SER B 25 32.80 -6.28 10.57
C SER B 25 32.42 -4.87 10.90
N CYS B 26 31.30 -4.44 10.34
CA CYS B 26 30.79 -3.10 10.57
C CYS B 26 30.52 -2.88 12.03
N LYS B 27 31.09 -1.83 12.60
CA LYS B 27 30.82 -1.50 14.00
C LYS B 27 29.51 -0.71 13.96
N GLN B 28 29.29 -0.01 12.85
CA GLN B 28 28.09 0.78 12.63
C GLN B 28 27.54 0.52 11.24
N PHE B 29 26.23 0.72 11.08
CA PHE B 29 25.57 0.54 9.79
C PHE B 29 24.68 1.76 9.54
N THR B 30 24.67 2.21 8.29
CA THR B 30 23.89 3.38 7.92
C THR B 30 22.90 3.15 6.80
N VAL B 31 21.70 3.72 6.97
CA VAL B 31 20.64 3.63 5.97
C VAL B 31 20.33 5.05 5.52
N ASN B 32 20.46 5.30 4.21
CA ASN B 32 20.16 6.60 3.63
C ASN B 32 18.87 6.44 2.84
N LEU B 33 17.76 6.86 3.44
CA LEU B 33 16.46 6.75 2.82
C LEU B 33 16.07 7.99 2.05
N SER B 34 15.56 7.79 0.84
CA SER B 34 15.10 8.89 0.00
C SER B 34 13.71 8.55 -0.51
N HIS B 35 13.05 9.51 -1.16
CA HIS B 35 11.72 9.30 -1.64
C HIS B 35 11.46 9.90 -3.03
N PRO B 36 11.78 9.15 -4.11
N PRO B 36 11.64 9.09 -4.08
CA PRO B 36 11.60 9.64 -5.49
CA PRO B 36 11.39 9.55 -5.43
C PRO B 36 10.23 9.94 -6.11
C PRO B 36 9.86 9.54 -5.47
N GLY B 37 9.20 10.10 -5.30
N GLY B 37 9.28 10.32 -6.36
CA GLY B 37 7.90 10.36 -5.90
CA GLY B 37 7.85 10.39 -6.40
C GLY B 37 7.50 11.83 -5.95
C GLY B 37 7.47 11.82 -6.29
N ASN B 38 6.19 12.05 -6.06
CA ASN B 38 5.64 13.40 -6.03
C ASN B 38 4.69 13.71 -4.87
N LEU B 39 4.19 12.67 -4.21
CA LEU B 39 3.23 12.83 -3.12
C LEU B 39 3.86 13.14 -1.76
N PRO B 40 3.19 13.99 -0.95
CA PRO B 40 3.68 14.37 0.37
C PRO B 40 3.55 13.28 1.43
N LYS B 41 4.15 13.56 2.58
CA LYS B 41 4.20 12.68 3.73
C LYS B 41 2.86 12.20 4.31
N ASN B 42 1.81 13.02 4.24
CA ASN B 42 0.52 12.63 4.81
C ASN B 42 -0.29 11.59 4.05
N VAL B 43 0.08 11.34 2.80
CA VAL B 43 -0.62 10.34 1.99
C VAL B 43 0.31 9.26 1.45
N MET B 44 1.61 9.54 1.43
CA MET B 44 2.59 8.59 0.93
C MET B 44 3.91 8.69 1.71
N GLY B 45 3.80 8.95 3.00
CA GLY B 45 4.99 9.05 3.83
C GLY B 45 5.65 7.71 4.03
N HIS B 46 6.99 7.71 4.08
CA HIS B 46 7.76 6.50 4.29
C HIS B 46 8.85 6.69 5.32
N ASN B 47 9.03 5.67 6.15
CA ASN B 47 10.11 5.66 7.13
C ASN B 47 10.76 4.28 7.02
N TRP B 48 11.98 4.16 7.51
CA TRP B 48 12.68 2.88 7.50
C TRP B 48 12.79 2.53 8.98
N VAL B 49 12.06 1.52 9.40
CA VAL B 49 12.05 1.08 10.80
C VAL B 49 12.58 -0.33 10.93
N LEU B 50 13.46 -0.53 11.91
CA LEU B 50 14.08 -1.83 12.16
C LEU B 50 13.72 -2.45 13.51
N SER B 51 13.36 -3.72 13.47
CA SER B 51 13.02 -4.47 14.68
C SER B 51 13.27 -5.96 14.42
N THR B 52 13.07 -6.80 15.43
CA THR B 52 13.22 -8.23 15.22
C THR B 52 11.97 -8.67 14.48
N ALA B 53 12.04 -9.82 13.81
CA ALA B 53 10.91 -10.36 13.08
C ALA B 53 9.76 -10.59 14.06
N ALA B 54 10.11 -10.98 15.28
CA ALA B 54 9.14 -11.25 16.34
C ALA B 54 8.34 -10.00 16.70
N ASP B 55 9.01 -8.85 16.69
CA ASP B 55 8.40 -7.59 17.05
C ASP B 55 7.77 -6.75 15.94
N MET B 56 8.03 -7.10 14.68
CA MET B 56 7.49 -6.33 13.56
C MET B 56 6.01 -5.96 13.59
N GLN B 57 5.13 -6.95 13.72
CA GLN B 57 3.70 -6.68 13.73
C GLN B 57 3.28 -5.76 14.87
N GLY B 58 3.84 -5.97 16.05
CA GLY B 58 3.52 -5.16 17.20
C GLY B 58 3.90 -3.70 16.95
N VAL B 59 5.10 -3.49 16.41
CA VAL B 59 5.58 -2.13 16.13
C VAL B 59 4.71 -1.45 15.08
N VAL B 60 4.31 -2.22 14.06
CA VAL B 60 3.47 -1.70 12.99
C VAL B 60 2.08 -1.33 13.50
N THR B 61 1.44 -2.26 14.21
CA THR B 61 0.10 -2.00 14.75
C THR B 61 0.08 -0.78 15.66
N ASP B 62 0.97 -0.78 16.66
CA ASP B 62 1.04 0.35 17.59
C ASP B 62 1.49 1.63 16.92
N GLY B 63 2.30 1.49 15.86
CA GLY B 63 2.78 2.64 15.14
C GLY B 63 1.69 3.35 14.36
N MET B 64 0.89 2.57 13.62
CA MET B 64 -0.20 3.14 12.83
C MET B 64 -1.21 3.81 13.75
N ALA B 65 -1.33 3.29 14.96
CA ALA B 65 -2.25 3.81 15.97
C ALA B 65 -1.76 5.14 16.57
N SER B 66 -0.49 5.45 16.40
CA SER B 66 0.11 6.66 16.94
C SER B 66 -0.08 7.95 16.14
N GLY B 67 -0.48 7.81 14.88
CA GLY B 67 -0.71 8.98 14.04
C GLY B 67 0.48 9.66 13.37
N LEU B 68 0.17 10.51 12.40
CA LEU B 68 1.17 11.26 11.65
C LEU B 68 2.02 12.15 12.55
N ASP B 69 1.37 12.71 13.58
CA ASP B 69 2.02 13.59 14.54
C ASP B 69 3.15 12.91 15.34
N LYS B 70 3.16 11.58 15.34
CA LYS B 70 4.18 10.81 16.05
C LYS B 70 5.05 10.04 15.05
N ASP B 71 4.93 10.39 13.77
CA ASP B 71 5.67 9.72 12.68
C ASP B 71 5.31 8.24 12.61
N TYR B 72 4.09 7.93 13.03
CA TYR B 72 3.57 6.58 13.04
C TYR B 72 4.42 5.58 13.82
N LEU B 73 4.87 6.00 15.00
CA LEU B 73 5.67 5.17 15.88
C LEU B 73 5.20 5.37 17.32
N LYS B 74 4.98 4.27 18.02
CA LYS B 74 4.54 4.32 19.41
C LYS B 74 5.66 5.00 20.21
N PRO B 75 5.37 6.14 20.85
CA PRO B 75 6.39 6.84 21.63
C PRO B 75 7.18 5.92 22.56
N ASP B 76 8.50 5.99 22.45
CA ASP B 76 9.44 5.20 23.27
C ASP B 76 9.36 3.68 23.13
N ASP B 77 8.88 3.21 21.97
CA ASP B 77 8.77 1.78 21.70
C ASP B 77 10.13 1.10 21.82
N SER B 78 10.26 0.26 22.84
CA SER B 78 11.52 -0.45 23.10
C SER B 78 11.87 -1.45 21.99
N ARG B 79 10.86 -1.87 21.23
CA ARG B 79 11.04 -2.83 20.15
C ARG B 79 11.73 -2.25 18.93
N VAL B 80 11.73 -0.92 18.80
CA VAL B 80 12.38 -0.27 17.68
C VAL B 80 13.89 -0.19 17.89
N ILE B 81 14.63 -0.95 17.09
CA ILE B 81 16.09 -0.97 17.17
C ILE B 81 16.66 0.34 16.63
N ALA B 82 16.13 0.79 15.49
CA ALA B 82 16.58 2.01 14.86
C ALA B 82 15.52 2.45 13.85
N HIS B 83 15.50 3.75 13.53
CA HIS B 83 14.51 4.27 12.58
C HIS B 83 14.88 5.63 12.01
N THR B 84 14.38 5.91 10.82
CA THR B 84 14.58 7.21 10.19
C THR B 84 13.27 7.93 10.50
N LYS B 85 13.17 9.20 10.11
CA LYS B 85 11.95 9.94 10.31
C LYS B 85 11.04 9.60 9.12
N LEU B 86 9.76 9.95 9.22
CA LEU B 86 8.81 9.70 8.13
C LEU B 86 9.04 10.80 7.10
N ILE B 87 9.28 10.41 5.85
CA ILE B 87 9.55 11.41 4.80
C ILE B 87 8.58 11.37 3.63
N GLY B 88 8.44 12.54 2.99
CA GLY B 88 7.59 12.66 1.82
C GLY B 88 8.49 12.77 0.61
N SER B 89 7.89 12.91 -0.57
N SER B 89 7.89 12.91 -0.57
CA SER B 89 8.64 13.02 -1.81
CA SER B 89 8.65 13.03 -1.81
C SER B 89 9.64 14.17 -1.77
C SER B 89 9.64 14.17 -1.77
N GLY B 90 10.84 13.92 -2.30
CA GLY B 90 11.88 14.94 -2.33
C GLY B 90 12.63 15.11 -1.02
N GLU B 91 12.20 14.43 0.03
CA GLU B 91 12.89 14.52 1.32
C GLU B 91 13.81 13.32 1.50
N LYS B 92 14.73 13.42 2.44
CA LYS B 92 15.67 12.35 2.72
C LYS B 92 16.03 12.36 4.19
N ASP B 93 16.49 11.22 4.68
CA ASP B 93 16.89 11.08 6.08
C ASP B 93 17.77 9.86 6.23
N SER B 94 18.76 9.95 7.11
CA SER B 94 19.67 8.84 7.37
C SER B 94 19.66 8.43 8.83
N VAL B 95 19.93 7.15 9.06
CA VAL B 95 20.00 6.63 10.42
C VAL B 95 21.19 5.68 10.50
N THR B 96 21.97 5.84 11.56
CA THR B 96 23.13 5.01 11.78
C THR B 96 22.93 4.38 13.15
N PHE B 97 23.22 3.08 13.23
CA PHE B 97 23.07 2.37 14.49
C PHE B 97 24.25 1.43 14.74
N ASP B 98 24.42 1.10 16.01
CA ASP B 98 25.47 0.20 16.48
C ASP B 98 25.13 -1.23 16.06
N VAL B 99 26.03 -1.86 15.31
CA VAL B 99 25.82 -3.22 14.82
C VAL B 99 25.76 -4.28 15.93
N SER B 100 26.29 -3.96 17.11
CA SER B 100 26.26 -4.90 18.23
C SER B 100 24.83 -5.11 18.76
N LYS B 101 23.87 -4.35 18.23
CA LYS B 101 22.48 -4.50 18.63
C LYS B 101 21.86 -5.67 17.86
N LEU B 102 22.67 -6.25 16.97
CA LEU B 102 22.25 -7.39 16.17
C LEU B 102 23.13 -8.58 16.48
N LYS B 103 22.63 -9.79 16.24
CA LYS B 103 23.39 -11.00 16.48
C LYS B 103 23.09 -11.97 15.35
N GLU B 104 23.99 -12.92 15.13
CA GLU B 104 23.80 -13.91 14.07
C GLU B 104 22.72 -14.91 14.44
N GLY B 105 22.02 -15.40 13.42
CA GLY B 105 20.96 -16.37 13.63
C GLY B 105 19.57 -15.76 13.67
N GLU B 106 19.45 -14.64 14.37
CA GLU B 106 18.18 -13.93 14.52
C GLU B 106 17.78 -13.18 13.26
N GLN B 107 16.48 -13.20 12.98
CA GLN B 107 15.96 -12.50 11.81
C GLN B 107 15.41 -11.14 12.19
N TYR B 108 15.89 -10.10 11.51
CA TYR B 108 15.40 -8.76 11.74
C TYR B 108 14.61 -8.35 10.51
N MET B 109 13.72 -7.38 10.68
CA MET B 109 12.90 -6.91 9.57
C MET B 109 12.93 -5.39 9.51
N PHE B 110 12.92 -4.85 8.30
CA PHE B 110 12.84 -3.41 8.11
C PHE B 110 11.51 -3.18 7.43
N PHE B 111 10.88 -2.07 7.75
CA PHE B 111 9.57 -1.78 7.21
C PHE B 111 9.19 -0.33 7.41
N CYS B 112 8.14 0.08 6.71
CA CYS B 112 7.58 1.42 6.81
C CYS B 112 6.35 1.28 7.69
N THR B 113 6.18 2.20 8.64
CA THR B 113 5.02 2.13 9.53
C THR B 113 3.82 3.00 9.13
N PHE B 114 3.88 3.62 7.96
CA PHE B 114 2.74 4.43 7.49
C PHE B 114 1.60 3.43 7.29
N PRO B 115 0.37 3.81 7.68
CA PRO B 115 -0.80 2.94 7.54
C PRO B 115 -0.86 2.08 6.29
N GLY B 116 -0.87 0.77 6.52
CA GLY B 116 -0.96 -0.23 5.45
C GLY B 116 0.26 -0.51 4.61
N HIS B 117 1.23 0.40 4.61
CA HIS B 117 2.44 0.27 3.81
C HIS B 117 3.31 -0.97 4.02
N SER B 118 3.37 -1.46 5.26
CA SER B 118 4.19 -2.63 5.56
C SER B 118 3.75 -3.87 4.80
N ALA B 119 2.55 -3.83 4.22
CA ALA B 119 2.04 -4.96 3.44
C ALA B 119 3.01 -5.27 2.31
N LEU B 120 3.57 -4.21 1.72
CA LEU B 120 4.54 -4.34 0.63
C LEU B 120 5.90 -3.78 1.02
N MET B 121 5.89 -2.73 1.82
CA MET B 121 7.12 -2.08 2.24
C MET B 121 7.75 -2.70 3.47
N LYS B 122 8.39 -3.84 3.25
CA LYS B 122 9.08 -4.57 4.31
C LYS B 122 10.12 -5.47 3.69
N GLY B 123 11.07 -5.91 4.51
CA GLY B 123 12.12 -6.78 4.04
C GLY B 123 12.94 -7.32 5.19
N THR B 124 13.83 -8.24 4.86
CA THR B 124 14.70 -8.85 5.86
C THR B 124 16.01 -8.11 6.02
N LEU B 125 16.55 -8.17 7.24
CA LEU B 125 17.85 -7.59 7.55
C LEU B 125 18.52 -8.67 8.38
N THR B 126 19.71 -9.07 7.96
CA THR B 126 20.42 -10.14 8.64
C THR B 126 21.91 -9.81 8.82
N LEU B 127 22.46 -10.25 9.95
CA LEU B 127 23.87 -10.04 10.26
C LEU B 127 24.65 -11.23 9.67
N LYS B 128 25.63 -10.94 8.82
CA LYS B 128 26.44 -11.97 8.17
C LYS B 128 27.93 -11.66 8.18
CU CU C . -7.27 1.29 -1.16
OS DOS D . -18.59 8.35 -11.68
N2 DOS D . -16.73 8.66 -12.53
C3 DOS D . -15.79 9.53 -12.08
C4 DOS D . -14.59 9.69 -12.74
C5 DOS D . -14.36 8.95 -13.88
C6 DOS D . -15.29 8.08 -14.35
C7 DOS D . -16.50 7.92 -13.67
C8 DOS D . -17.57 7.03 -14.06
C9 DOS D . -17.53 6.20 -15.19
CG DOS D . -19.90 9.40 -9.07
C10 DOS D . -18.61 5.38 -15.48
C11 DOS D . -19.71 5.38 -14.64
C12 DOS D . -19.71 6.22 -13.54
N13 DOS D . -18.65 7.03 -13.25
N26 DOS D . -19.65 9.69 -12.84
C27 DOS D . -19.10 10.57 -13.72
C28 DOS D . -19.87 11.46 -14.46
C29 DOS D . -21.25 11.43 -14.28
C30 DOS D . -21.81 10.53 -13.40
C31 DOS D . -20.99 9.65 -12.67
C32 DOS D . -21.48 8.64 -11.71
C33 DOS D . -22.83 8.45 -11.40
C34 DOS D . -23.19 7.48 -10.51
C35 DOS D . -22.22 6.70 -9.91
C36 DOS D . -20.89 6.92 -10.23
N37 DOS D . -20.52 7.89 -11.12
ND1 DOS D . -18.84 9.42 -9.95
CD2 DOS D . -19.57 10.21 -8.05
CE1 DOS D . -17.87 10.21 -9.52
NE2 DOS D . -18.31 10.68 -8.37
OS LOS E . -19.28 7.67 -11.48
N2 LOS E . -21.24 7.27 -10.94
C3 LOS E . -21.64 6.27 -10.11
C4 LOS E . -22.96 6.09 -9.74
C5 LOS E . -23.90 6.98 -10.23
C6 LOS E . -23.51 8.00 -11.08
C7 LOS E . -22.17 8.15 -11.43
C8 LOS E . -21.64 9.17 -12.33
C9 LOS E . -22.42 10.16 -12.94
CG LOS E . -20.37 5.94 -13.51
C10 LOS E . -21.84 11.09 -13.77
C11 LOS E . -20.47 11.03 -13.99
C12 LOS E . -19.72 10.04 -13.37
N13 LOS E . -20.29 9.12 -12.54
N26 LOS E . -18.85 8.99 -9.93
C27 LOS E . -19.67 9.27 -8.87
C28 LOS E . -19.34 10.19 -7.88
C29 LOS E . -18.12 10.84 -7.98
C30 LOS E . -17.28 10.58 -9.02
C31 LOS E . -17.64 9.65 -10.01
C32 LOS E . -16.83 9.29 -11.15
C33 LOS E . -15.57 9.88 -11.38
C34 LOS E . -14.84 9.51 -12.47
C35 LOS E . -15.36 8.57 -13.34
C36 LOS E . -16.60 8.02 -13.08
N37 LOS E . -17.36 8.38 -11.99
ND1 LOS E . -19.18 6.60 -13.24
CD2 LOS E . -20.19 5.28 -14.67
CE1 LOS E . -18.39 6.28 -14.25
NE2 LOS E . -18.92 5.49 -15.16
CU IME F . -25.82 -9.90 -22.84
O1 IME F . -26.36 -9.43 -25.23
O2 IME F . -24.85 -10.37 -20.59
CG1 IME F . -22.30 -8.16 -24.51
CDC IME F . -23.64 -8.34 -24.50
NDB IME F . -21.91 -8.67 -23.29
CEB IME F . -22.89 -9.16 -22.55
NEC IME F . -23.96 -8.95 -23.31
CG2 IME F . -25.10 -13.82 -23.75
CDM IME F . -25.52 -12.78 -22.99
NDL IME F . -24.75 -13.19 -24.91
CEL IME F . -24.97 -11.89 -24.77
NEM IME F . -25.46 -11.55 -23.59
CG3 IME F . -29.24 -11.51 -21.17
CDW IME F . -27.92 -11.21 -21.10
NDV IME F . -29.76 -11.15 -22.39
CEV IME F . -28.74 -10.64 -23.05
NEW IME F . -27.62 -10.65 -22.33
CG4 IME F . -27.41 -6.15 -21.51
CD6 IME F . -27.49 -7.23 -22.32
ND5 IME F . -26.31 -6.32 -20.69
CE5 IME F . -25.74 -7.47 -20.99
NE6 IME F . -26.44 -8.03 -21.97
CU CU G . 34.27 -4.62 6.24
CU CU H . 5.49 4.11 3.54
OS DOS I . 13.41 7.66 17.90
N2 DOS I . 15.04 8.91 17.59
C3 DOS I . 15.72 9.04 16.42
C4 DOS I . 16.84 9.86 16.32
C5 DOS I . 17.25 10.56 17.43
C6 DOS I . 16.56 10.45 18.61
C7 DOS I . 15.44 9.61 18.70
C8 DOS I . 14.64 9.40 19.89
C9 DOS I . 14.90 10.03 21.13
CG DOS I . 10.70 9.33 17.92
C10 DOS I . 14.10 9.78 22.20
C11 DOS I . 13.03 8.90 22.07
C12 DOS I . 12.80 8.30 20.84
N13 DOS I . 13.59 8.55 19.77
N26 DOS I . 14.52 5.99 18.40
C27 DOS I . 15.86 5.90 18.36
C28 DOS I . 16.56 4.76 18.75
C29 DOS I . 15.82 3.68 19.20
C30 DOS I . 14.45 3.75 19.26
C31 DOS I . 13.79 4.93 18.85
C32 DOS I . 12.34 5.12 18.85
C33 DOS I . 11.45 4.13 19.27
C34 DOS I . 10.11 4.37 19.25
C35 DOS I . 9.64 5.60 18.81
C36 DOS I . 10.56 6.56 18.40
N37 DOS I . 11.91 6.32 18.43
ND1 DOS I . 12.04 9.24 17.65
CD2 DOS I . 10.03 10.43 17.53
CE1 DOS I . 12.15 10.41 17.03
NE2 DOS I . 11.06 11.13 16.93
OS LOS J . 13.41 7.75 17.85
N2 LOS J . 11.74 6.63 18.34
C3 LOS J . 11.76 5.33 18.77
C4 LOS J . 10.60 4.62 19.08
C5 LOS J . 9.39 5.30 18.95
C6 LOS J . 9.37 6.60 18.54
C7 LOS J . 10.56 7.27 18.24
C8 LOS J . 10.66 8.67 17.78
C9 LOS J . 9.55 9.51 17.60
CG LOS J . 14.82 5.31 18.67
C10 LOS J . 9.72 10.80 17.18
C11 LOS J . 11.01 11.26 16.94
C12 LOS J . 12.09 10.40 17.11
N13 LOS J . 11.91 9.12 17.52
N26 LOS J . 13.77 8.54 19.73
C27 LOS J . 13.05 8.27 20.85
C28 LOS J . 13.32 8.87 22.08
C29 LOS J . 14.37 9.75 22.14
C30 LOS J . 15.12 10.04 21.02
C31 LOS J . 14.80 9.42 19.80
C32 LOS J . 15.51 9.65 18.53
C33 LOS J . 16.60 10.52 18.42
C34 LOS J . 17.21 10.67 17.20
C35 LOS J . 16.73 9.97 16.11
C36 LOS J . 15.64 9.12 16.26
N37 LOS J . 15.04 8.96 17.48
ND1 LOS J . 15.11 6.57 18.19
CD2 LOS J . 15.94 4.54 18.82
CE1 LOS J . 16.42 6.50 18.06
NE2 LOS J . 16.97 5.35 18.41
#